data_6SJD
#
_entry.id   6SJD
#
_cell.length_a   114.237
_cell.length_b   114.237
_cell.length_c   165.268
_cell.angle_alpha   90.000
_cell.angle_beta   90.000
_cell.angle_gamma   90.000
#
_symmetry.space_group_name_H-M   'P 43 21 2'
#
loop_
_entity.id
_entity.type
_entity.pdbx_description
1 polymer 'Probable ribonuclease ZC3H12B'
2 polymer "RNA (5'-R(*UP*GP*CP*GP*AP*CP*AP*GP*UP*CP*GP*GP*UP*AP*GP*CP*A)-3')"
3 non-polymer 'MAGNESIUM ION'
4 non-polymer 'CACODYLATE ION'
5 water water
#
loop_
_entity_poly.entity_id
_entity_poly.type
_entity_poly.pdbx_seq_one_letter_code
_entity_poly.pdbx_strand_id
1 'polypeptide(L)'
;DNSDNLRPVVIDGSNVAMSHGNKEEFSCRGIQLAVDWFLDKGHKDITVFVPAWRKEQSRPDAPITDQDILRKLEKEKILV
FTPSRRVQGRRVVCYDDRFIVKLAFDSDGIIVSNDNYRDLQVEKPEWKKFIEERLLMYSFVNDKFMPPDDPLGRHGPSLE
NFLRKRPIVPEHKKQPCP
;
B,A
2 'polyribonucleotide' AAUGCGACAGUCGGUAGCAUC D
#
# COMPACT_ATOMS: atom_id res chain seq x y z
N ASN A 2 13.25 5.09 22.54
CA ASN A 2 13.32 6.50 22.20
C ASN A 2 13.96 6.71 20.83
N SER A 3 13.37 7.60 20.04
CA SER A 3 13.90 7.94 18.72
C SER A 3 14.81 9.16 18.81
N ASP A 4 15.90 8.98 19.55
CA ASP A 4 16.92 10.02 19.72
C ASP A 4 17.65 10.21 18.40
N ASN A 5 17.02 10.96 17.49
CA ASN A 5 17.64 11.39 16.24
C ASN A 5 17.81 10.25 15.24
N LEU A 6 17.18 9.10 15.46
CA LEU A 6 17.33 7.97 14.54
C LEU A 6 16.33 8.12 13.39
N ARG A 7 16.63 7.42 12.30
CA ARG A 7 15.95 7.60 11.03
C ARG A 7 14.84 6.59 10.81
N PRO A 8 13.86 6.94 9.98
CA PRO A 8 12.86 5.94 9.56
C PRO A 8 13.56 4.83 8.79
N VAL A 9 13.01 3.62 8.90
CA VAL A 9 13.64 2.44 8.34
C VAL A 9 12.65 1.74 7.43
N VAL A 10 13.10 1.35 6.24
CA VAL A 10 12.28 0.64 5.27
C VAL A 10 13.04 -0.59 4.81
N ILE A 11 12.33 -1.71 4.67
CA ILE A 11 12.96 -3.00 4.42
C ILE A 11 12.30 -3.65 3.22
N ASP A 12 13.12 -4.18 2.30
CA ASP A 12 12.61 -4.94 1.15
C ASP A 12 12.49 -6.39 1.59
N GLY A 13 11.35 -6.73 2.19
CA GLY A 13 11.17 -8.08 2.71
C GLY A 13 11.30 -9.14 1.63
N SER A 14 10.76 -8.88 0.44
CA SER A 14 10.85 -9.83 -0.65
C SER A 14 12.29 -10.13 -1.02
N ASN A 15 13.22 -9.27 -0.62
CA ASN A 15 14.65 -9.55 -0.80
C ASN A 15 15.23 -10.27 0.40
N VAL A 16 14.87 -9.84 1.62
CA VAL A 16 15.44 -10.44 2.82
C VAL A 16 15.06 -11.91 2.90
N ALA A 17 13.76 -12.21 2.88
CA ALA A 17 13.31 -13.58 3.12
C ALA A 17 14.00 -14.55 2.16
N MET A 18 14.19 -14.14 0.90
CA MET A 18 14.94 -14.98 -0.04
C MET A 18 16.36 -15.23 0.46
N SER A 19 17.10 -14.16 0.72
CA SER A 19 18.52 -14.23 1.04
C SER A 19 18.80 -14.83 2.42
N HIS A 20 17.78 -15.07 3.23
CA HIS A 20 18.05 -15.64 4.56
C HIS A 20 18.29 -17.14 4.51
N GLY A 21 17.25 -17.92 4.25
CA GLY A 21 17.34 -19.36 4.17
C GLY A 21 17.13 -19.88 2.77
N ASN A 22 17.76 -21.02 2.47
CA ASN A 22 17.61 -21.70 1.19
C ASN A 22 17.26 -20.71 0.08
N LYS A 23 18.18 -19.78 -0.19
CA LYS A 23 18.04 -18.75 -1.21
C LYS A 23 16.80 -18.85 -2.08
N GLU A 24 16.48 -20.05 -2.58
CA GLU A 24 15.28 -20.22 -3.39
C GLU A 24 13.99 -20.15 -2.59
N GLU A 25 14.07 -20.10 -1.26
CA GLU A 25 12.90 -20.08 -0.40
C GLU A 25 12.67 -18.68 0.16
N PHE A 26 11.40 -18.29 0.20
CA PHE A 26 10.98 -17.05 0.84
C PHE A 26 10.81 -17.36 2.32
N SER A 27 11.91 -17.23 3.07
CA SER A 27 11.93 -17.61 4.49
C SER A 27 11.57 -16.39 5.32
N CYS A 28 10.33 -16.37 5.82
CA CYS A 28 9.85 -15.22 6.57
C CYS A 28 10.66 -14.99 7.84
N ARG A 29 11.17 -16.06 8.45
CA ARG A 29 12.04 -15.93 9.62
C ARG A 29 13.06 -14.83 9.41
N GLY A 30 13.69 -14.80 8.22
CA GLY A 30 14.68 -13.78 7.94
C GLY A 30 14.15 -12.39 8.23
N ILE A 31 12.93 -12.10 7.79
CA ILE A 31 12.32 -10.81 8.11
C ILE A 31 12.35 -10.60 9.62
N GLN A 32 11.93 -11.62 10.36
CA GLN A 32 11.91 -11.52 11.82
C GLN A 32 13.28 -11.15 12.36
N LEU A 33 14.31 -11.90 11.97
CA LEU A 33 15.65 -11.66 12.49
C LEU A 33 16.12 -10.23 12.22
N ALA A 34 15.91 -9.75 10.99
CA ALA A 34 16.29 -8.39 10.66
C ALA A 34 15.57 -7.39 11.56
N VAL A 35 14.24 -7.54 11.68
CA VAL A 35 13.47 -6.65 12.53
C VAL A 35 14.00 -6.68 13.96
N ASP A 36 13.98 -7.86 14.57
CA ASP A 36 14.40 -7.99 15.97
C ASP A 36 15.72 -7.27 16.21
N TRP A 37 16.64 -7.34 15.24
CA TRP A 37 17.90 -6.62 15.35
C TRP A 37 17.67 -5.13 15.57
N PHE A 38 16.87 -4.49 14.72
CA PHE A 38 16.60 -3.06 14.90
C PHE A 38 15.89 -2.80 16.22
N LEU A 39 14.89 -3.60 16.55
CA LEU A 39 14.19 -3.44 17.83
C LEU A 39 15.20 -3.42 18.98
N ASP A 40 16.00 -4.48 19.10
CA ASP A 40 17.02 -4.53 20.14
C ASP A 40 17.98 -3.35 20.03
N LYS A 41 18.08 -2.71 18.86
CA LYS A 41 18.95 -1.56 18.69
C LYS A 41 18.28 -0.25 19.12
N GLY A 42 17.11 -0.32 19.73
CA GLY A 42 16.43 0.88 20.17
C GLY A 42 15.78 1.69 19.07
N HIS A 43 15.15 1.02 18.11
CA HIS A 43 14.46 1.69 17.02
C HIS A 43 12.96 1.66 17.24
N LYS A 44 12.28 2.67 16.70
CA LYS A 44 10.83 2.81 16.80
C LYS A 44 10.14 2.73 15.45
N ASP A 45 10.57 3.52 14.47
CA ASP A 45 9.95 3.57 13.15
C ASP A 45 10.62 2.54 12.25
N ILE A 46 9.92 1.42 12.00
CA ILE A 46 10.37 0.41 11.06
C ILE A 46 9.18 -0.04 10.23
N THR A 47 9.40 -0.23 8.93
CA THR A 47 8.34 -0.60 8.01
C THR A 47 8.89 -1.59 7.00
N VAL A 48 8.11 -2.64 6.74
CA VAL A 48 8.47 -3.68 5.79
C VAL A 48 7.42 -3.69 4.69
N PHE A 49 7.83 -4.11 3.49
CA PHE A 49 6.94 -4.21 2.36
C PHE A 49 6.98 -5.63 1.80
N VAL A 50 5.79 -6.17 1.52
CA VAL A 50 5.69 -7.51 0.96
C VAL A 50 4.47 -7.55 0.03
N PRO A 51 4.64 -7.88 -1.25
CA PRO A 51 3.47 -8.05 -2.12
C PRO A 51 2.47 -9.03 -1.51
N ALA A 52 1.19 -8.69 -1.61
CA ALA A 52 0.17 -9.36 -0.82
C ALA A 52 0.03 -10.83 -1.18
N TRP A 53 0.35 -11.20 -2.44
CA TRP A 53 0.15 -12.59 -2.88
C TRP A 53 1.03 -13.57 -2.12
N ARG A 54 1.84 -13.10 -1.18
CA ARG A 54 2.60 -14.01 -0.34
C ARG A 54 1.72 -14.70 0.69
N LYS A 55 0.56 -14.11 1.03
CA LYS A 55 -0.37 -14.82 1.90
C LYS A 55 -0.92 -16.07 1.23
N GLU A 56 -0.87 -16.15 -0.10
CA GLU A 56 -1.35 -17.33 -0.81
C GLU A 56 -0.55 -18.56 -0.42
N GLN A 57 -1.25 -19.68 -0.24
CA GLN A 57 -0.61 -20.89 0.26
C GLN A 57 0.64 -21.23 -0.54
N SER A 58 1.63 -21.79 0.16
CA SER A 58 2.93 -22.08 -0.41
C SER A 58 2.88 -23.11 -1.53
N ARG A 59 3.17 -22.69 -2.76
CA ARG A 59 3.32 -23.59 -3.88
C ARG A 59 4.77 -24.04 -4.00
N PRO A 60 5.04 -25.10 -4.77
CA PRO A 60 6.42 -25.50 -5.02
C PRO A 60 7.16 -24.50 -5.89
N ASP A 61 6.44 -23.68 -6.66
CA ASP A 61 7.05 -22.72 -7.58
C ASP A 61 7.44 -21.41 -6.90
N ALA A 62 6.86 -21.11 -5.74
CA ALA A 62 7.23 -19.93 -4.97
C ALA A 62 7.24 -20.30 -3.49
N PRO A 63 8.07 -21.27 -3.12
CA PRO A 63 7.99 -21.79 -1.75
C PRO A 63 8.24 -20.71 -0.71
N ILE A 64 7.58 -20.86 0.43
CA ILE A 64 7.65 -19.89 1.52
C ILE A 64 7.46 -20.64 2.84
N THR A 65 8.21 -20.23 3.85
CA THR A 65 8.21 -20.88 5.15
C THR A 65 7.89 -19.88 6.25
N ASP A 66 7.29 -20.38 7.34
CA ASP A 66 6.91 -19.52 8.46
C ASP A 66 5.95 -18.43 7.99
N GLN A 67 4.98 -18.83 7.18
CA GLN A 67 4.10 -17.86 6.53
C GLN A 67 3.31 -17.05 7.54
N ASP A 68 2.96 -17.65 8.68
CA ASP A 68 2.15 -16.96 9.68
C ASP A 68 2.87 -15.76 10.29
N ILE A 69 4.18 -15.63 10.07
CA ILE A 69 4.91 -14.49 10.63
C ILE A 69 4.46 -13.18 9.99
N LEU A 70 3.96 -13.22 8.76
CA LEU A 70 3.61 -11.99 8.07
C LEU A 70 2.43 -11.29 8.74
N ARG A 71 1.30 -11.99 8.84
CA ARG A 71 0.13 -11.39 9.49
C ARG A 71 0.47 -10.94 10.90
N LYS A 72 1.34 -11.69 11.59
CA LYS A 72 1.73 -11.32 12.95
C LYS A 72 2.46 -9.98 12.99
N LEU A 73 3.22 -9.67 11.95
CA LEU A 73 3.94 -8.39 11.91
C LEU A 73 3.04 -7.25 11.47
N GLU A 74 2.07 -7.53 10.60
CA GLU A 74 1.05 -6.55 10.27
C GLU A 74 0.33 -6.07 11.53
N LYS A 75 0.00 -6.99 12.44
CA LYS A 75 -0.69 -6.63 13.67
C LYS A 75 0.03 -5.55 14.46
N GLU A 76 1.35 -5.46 14.34
CA GLU A 76 2.12 -4.46 15.04
C GLU A 76 2.34 -3.20 14.21
N LYS A 77 1.60 -3.04 13.12
CA LYS A 77 1.75 -1.87 12.25
C LYS A 77 3.20 -1.73 11.78
N ILE A 78 3.85 -2.86 11.57
CA ILE A 78 5.22 -2.92 11.09
C ILE A 78 5.27 -3.44 9.66
N LEU A 79 4.61 -4.57 9.40
CA LEU A 79 4.56 -5.11 8.05
C LEU A 79 3.45 -4.42 7.27
N VAL A 80 3.72 -4.17 6.00
CA VAL A 80 2.73 -3.59 5.09
C VAL A 80 2.74 -4.43 3.82
N PHE A 81 1.55 -4.81 3.38
CA PHE A 81 1.42 -5.60 2.16
C PHE A 81 1.34 -4.66 0.96
N THR A 82 1.70 -5.19 -0.20
CA THR A 82 1.67 -4.39 -1.40
C THR A 82 0.55 -4.85 -2.32
N PRO A 83 -0.20 -3.93 -2.92
CA PRO A 83 -1.40 -4.32 -3.65
C PRO A 83 -1.13 -5.43 -4.66
N SER A 84 -1.94 -6.48 -4.60
CA SER A 84 -1.87 -7.58 -5.56
C SER A 84 -3.28 -8.08 -5.82
N ARG A 85 -3.46 -8.68 -6.99
CA ARG A 85 -4.74 -9.24 -7.38
C ARG A 85 -4.54 -10.00 -8.68
N ARG A 86 -5.49 -10.84 -9.03
CA ARG A 86 -5.46 -11.56 -10.30
C ARG A 86 -6.49 -10.93 -11.23
N VAL A 87 -6.01 -10.45 -12.37
CA VAL A 87 -6.82 -9.73 -13.34
C VAL A 87 -7.65 -10.69 -14.17
N GLN A 88 -6.99 -11.50 -14.99
CA GLN A 88 -7.67 -12.41 -15.90
C GLN A 88 -7.23 -13.85 -15.65
N GLY A 89 -7.11 -14.21 -14.38
CA GLY A 89 -6.55 -15.48 -13.97
C GLY A 89 -5.07 -15.44 -13.70
N ARG A 90 -4.36 -14.44 -14.24
CA ARG A 90 -2.95 -14.21 -13.96
C ARG A 90 -2.81 -13.15 -12.87
N ARG A 91 -1.56 -12.83 -12.52
CA ARG A 91 -1.26 -11.96 -11.39
C ARG A 91 -0.81 -10.57 -11.82
N VAL A 92 -1.34 -9.56 -11.13
CA VAL A 92 -0.84 -8.18 -11.18
C VAL A 92 -0.24 -7.82 -9.82
N VAL A 93 0.88 -7.10 -9.84
CA VAL A 93 1.72 -6.95 -8.65
C VAL A 93 1.95 -5.50 -8.23
N CYS A 94 1.95 -4.57 -9.19
CA CYS A 94 2.21 -3.15 -8.96
C CYS A 94 3.67 -2.86 -8.61
N TYR A 95 4.55 -3.86 -8.65
CA TYR A 95 5.99 -3.63 -8.48
C TYR A 95 6.28 -2.96 -7.15
N ASP A 96 6.37 -3.75 -6.08
CA ASP A 96 6.60 -3.20 -4.75
C ASP A 96 7.85 -2.33 -4.70
N ASP A 97 8.85 -2.63 -5.52
CA ASP A 97 10.15 -1.97 -5.41
C ASP A 97 10.01 -0.47 -5.21
N ARG A 98 9.20 0.19 -6.04
CA ARG A 98 9.09 1.64 -5.92
C ARG A 98 8.33 2.08 -4.68
N PHE A 99 7.52 1.21 -4.07
CA PHE A 99 6.94 1.54 -2.78
C PHE A 99 8.01 1.71 -1.72
N ILE A 100 8.99 0.82 -1.69
CA ILE A 100 10.06 0.90 -0.69
C ILE A 100 10.80 2.23 -0.83
N VAL A 101 11.12 2.62 -2.06
CA VAL A 101 11.88 3.85 -2.28
C VAL A 101 11.00 5.07 -2.03
N LYS A 102 9.88 5.16 -2.75
CA LYS A 102 8.97 6.29 -2.61
C LYS A 102 8.72 6.59 -1.14
N LEU A 103 8.48 5.56 -0.33
CA LEU A 103 8.32 5.77 1.11
C LEU A 103 9.60 6.37 1.70
N ALA A 104 10.71 5.64 1.59
CA ALA A 104 11.97 6.11 2.17
C ALA A 104 12.33 7.51 1.69
N PHE A 105 12.18 7.77 0.40
CA PHE A 105 12.47 9.11 -0.11
C PHE A 105 11.60 10.16 0.60
N ASP A 106 10.29 9.96 0.60
CA ASP A 106 9.39 10.95 1.17
C ASP A 106 9.51 11.04 2.69
N SER A 107 10.05 10.01 3.34
CA SER A 107 10.27 10.02 4.78
C SER A 107 11.71 10.34 5.16
N ASP A 108 12.60 10.48 4.17
CA ASP A 108 14.02 10.74 4.42
C ASP A 108 14.63 9.68 5.34
N GLY A 109 14.34 8.42 5.04
CA GLY A 109 14.87 7.29 5.77
C GLY A 109 15.94 6.56 5.00
N ILE A 110 16.13 5.28 5.32
CA ILE A 110 17.08 4.41 4.67
C ILE A 110 16.43 3.09 4.29
N ILE A 111 17.02 2.43 3.30
CA ILE A 111 16.51 1.19 2.74
C ILE A 111 17.39 0.03 3.17
N VAL A 112 16.76 -1.09 3.53
CA VAL A 112 17.47 -2.32 3.85
C VAL A 112 17.21 -3.28 2.69
N SER A 113 18.23 -3.53 1.88
CA SER A 113 18.08 -4.42 0.73
C SER A 113 19.43 -4.55 0.04
N ASN A 114 19.60 -5.65 -0.68
CA ASN A 114 20.77 -5.85 -1.52
C ASN A 114 20.50 -5.53 -2.98
N ASP A 115 19.25 -5.25 -3.36
CA ASP A 115 18.93 -4.83 -4.71
C ASP A 115 19.35 -3.38 -4.92
N ASN A 116 19.99 -3.11 -6.06
CA ASN A 116 20.48 -1.78 -6.38
C ASN A 116 19.42 -0.90 -7.05
N TYR A 117 18.29 -1.48 -7.46
CA TYR A 117 17.23 -0.73 -8.12
C TYR A 117 17.77 0.02 -9.34
N ARG A 118 18.51 -0.72 -10.16
CA ARG A 118 19.04 -0.18 -11.41
C ARG A 118 17.97 0.52 -12.21
N ASP A 119 16.78 -0.08 -12.28
CA ASP A 119 15.70 0.47 -13.11
C ASP A 119 15.21 1.81 -12.58
N LEU A 120 15.12 1.97 -11.26
CA LEU A 120 14.57 3.20 -10.71
C LEU A 120 15.58 4.33 -10.65
N GLN A 121 16.87 4.00 -10.45
CA GLN A 121 17.90 5.05 -10.57
C GLN A 121 17.76 5.75 -11.91
N VAL A 122 17.39 5.01 -12.95
CA VAL A 122 17.21 5.58 -14.28
C VAL A 122 15.89 6.33 -14.37
N GLU A 123 14.82 5.77 -13.81
CA GLU A 123 13.50 6.36 -13.99
C GLU A 123 13.45 7.78 -13.44
N LYS A 124 14.14 8.03 -12.34
CA LYS A 124 14.12 9.34 -11.71
C LYS A 124 15.51 9.67 -11.19
N PRO A 125 16.23 10.62 -11.83
CA PRO A 125 17.57 10.97 -11.32
C PRO A 125 17.56 11.36 -9.85
N GLU A 126 16.58 12.19 -9.44
CA GLU A 126 16.48 12.58 -8.04
C GLU A 126 16.45 11.37 -7.11
N TRP A 127 15.88 10.26 -7.56
CA TRP A 127 15.91 9.04 -6.75
C TRP A 127 17.30 8.43 -6.72
N LYS A 128 17.96 8.34 -7.88
CA LYS A 128 19.32 7.82 -7.96
C LYS A 128 20.20 8.34 -6.83
N LYS A 129 20.34 9.66 -6.74
CA LYS A 129 21.12 10.25 -5.65
C LYS A 129 20.75 9.63 -4.31
N PHE A 130 19.45 9.53 -4.03
CA PHE A 130 19.01 8.99 -2.75
C PHE A 130 19.44 7.54 -2.60
N ILE A 131 19.23 6.73 -3.64
CA ILE A 131 19.63 5.33 -3.59
C ILE A 131 21.13 5.22 -3.34
N GLU A 132 21.91 6.08 -4.02
CA GLU A 132 23.37 6.04 -3.87
C GLU A 132 23.79 6.24 -2.43
N GLU A 133 23.11 7.15 -1.70
CA GLU A 133 23.57 7.54 -0.39
C GLU A 133 22.83 6.86 0.76
N ARG A 134 21.77 6.10 0.49
CA ARG A 134 20.93 5.62 1.58
C ARG A 134 20.62 4.13 1.53
N LEU A 135 21.26 3.37 0.66
CA LEU A 135 21.02 1.93 0.58
C LEU A 135 21.95 1.22 1.57
N LEU A 136 21.36 0.49 2.52
CA LEU A 136 22.11 -0.32 3.46
C LEU A 136 22.01 -1.79 3.04
N MET A 137 23.14 -2.41 2.79
CA MET A 137 23.19 -3.81 2.41
C MET A 137 23.40 -4.68 3.65
N TYR A 138 23.32 -5.99 3.45
CA TYR A 138 23.39 -6.93 4.56
C TYR A 138 23.96 -8.24 4.07
N SER A 139 24.21 -9.14 5.03
CA SER A 139 24.66 -10.50 4.74
C SER A 139 24.11 -11.41 5.82
N PHE A 140 23.53 -12.53 5.42
CA PHE A 140 22.90 -13.46 6.35
C PHE A 140 23.82 -14.63 6.62
N VAL A 141 24.06 -14.90 7.91
CA VAL A 141 24.83 -16.06 8.35
C VAL A 141 23.98 -16.96 9.21
N ASN A 142 23.12 -17.75 8.57
CA ASN A 142 22.33 -18.79 9.21
C ASN A 142 21.21 -18.21 10.06
N ASP A 143 21.55 -17.55 11.17
CA ASP A 143 20.51 -17.07 12.09
C ASP A 143 20.98 -15.79 12.80
N LYS A 144 21.61 -14.88 12.06
CA LYS A 144 22.08 -13.64 12.66
C LYS A 144 22.07 -12.55 11.61
N PHE A 145 21.52 -11.39 11.95
CA PHE A 145 21.50 -10.26 11.04
C PHE A 145 22.81 -9.48 11.17
N MET A 146 23.56 -9.45 10.08
CA MET A 146 24.87 -8.79 10.03
C MET A 146 24.86 -7.66 9.01
N PRO A 147 24.73 -6.41 9.44
CA PRO A 147 24.94 -5.29 8.53
C PRO A 147 26.38 -4.82 8.59
N PRO A 148 26.87 -4.17 7.54
CA PRO A 148 28.26 -3.69 7.54
C PRO A 148 28.46 -2.51 8.47
N ASP A 149 29.64 -2.46 9.12
CA ASP A 149 30.00 -1.32 9.95
C ASP A 149 30.37 -0.10 9.10
N ASP A 150 30.57 -0.27 7.80
CA ASP A 150 30.80 0.83 6.86
C ASP A 150 29.79 0.67 5.74
N PRO A 151 28.55 1.12 5.95
CA PRO A 151 27.51 0.90 4.92
C PRO A 151 27.89 1.43 3.55
N LEU A 152 28.65 2.51 3.48
CA LEU A 152 29.31 2.93 2.27
C LEU A 152 30.79 2.54 2.36
N GLY A 153 31.53 2.79 1.29
CA GLY A 153 32.94 2.42 1.25
C GLY A 153 33.71 2.96 2.44
N ARG A 154 34.97 2.51 2.59
CA ARG A 154 35.80 3.02 3.67
C ARG A 154 35.81 4.55 3.69
N HIS A 155 35.63 5.17 2.52
CA HIS A 155 35.51 6.62 2.43
C HIS A 155 34.22 7.14 3.05
N GLY A 156 33.26 6.27 3.35
CA GLY A 156 31.98 6.70 3.85
C GLY A 156 31.89 6.75 5.36
N PRO A 157 30.67 6.88 5.87
CA PRO A 157 30.45 7.12 7.30
C PRO A 157 30.35 5.84 8.13
N SER A 158 30.37 6.04 9.45
CA SER A 158 30.14 4.96 10.40
C SER A 158 28.70 4.45 10.29
N LEU A 159 28.45 3.30 10.94
CA LEU A 159 27.09 2.75 10.95
C LEU A 159 26.14 3.60 11.78
N GLU A 160 26.59 4.17 12.89
CA GLU A 160 25.68 4.97 13.72
C GLU A 160 25.45 6.35 13.11
N ASN A 161 26.49 6.98 12.59
CA ASN A 161 26.31 8.27 11.94
C ASN A 161 25.52 8.16 10.65
N PHE A 162 25.36 6.95 10.11
CA PHE A 162 24.58 6.77 8.89
C PHE A 162 23.10 6.50 9.17
N LEU A 163 22.79 5.74 10.21
CA LEU A 163 21.41 5.45 10.58
C LEU A 163 20.84 6.46 11.58
N ARG A 164 21.58 7.54 11.83
CA ARG A 164 21.14 8.62 12.71
C ARG A 164 21.29 9.93 11.95
N LYS A 165 20.28 10.81 12.06
CA LYS A 165 20.33 12.04 11.29
C LYS A 165 21.28 13.06 11.90
N ARG A 166 21.31 13.16 13.24
CA ARG A 166 22.28 14.01 13.93
C ARG A 166 23.51 13.20 14.36
N PRO A 167 24.65 13.35 13.70
CA PRO A 167 25.84 12.59 14.12
C PRO A 167 26.46 13.15 15.39
N ILE A 168 27.10 12.26 16.15
CA ILE A 168 27.56 12.60 17.50
C ILE A 168 28.87 13.36 17.53
N VAL A 169 29.56 13.47 16.40
CA VAL A 169 30.84 14.17 16.27
C VAL A 169 31.61 14.22 17.60
N ASP B 1 -4.92 25.39 -14.12
CA ASP B 1 -5.16 23.98 -13.87
C ASP B 1 -6.61 23.60 -14.20
N ASN B 2 -6.81 22.38 -14.66
CA ASN B 2 -8.11 21.90 -15.10
C ASN B 2 -8.45 20.58 -14.44
N SER B 3 -9.67 20.48 -13.90
CA SER B 3 -10.18 19.24 -13.33
C SER B 3 -11.09 18.49 -14.30
N ASP B 4 -11.48 19.09 -15.42
CA ASP B 4 -12.30 18.39 -16.40
C ASP B 4 -11.54 17.26 -17.08
N ASN B 5 -10.21 17.33 -17.10
CA ASN B 5 -9.41 16.23 -17.57
C ASN B 5 -9.31 15.08 -16.58
N LEU B 6 -9.94 15.22 -15.41
CA LEU B 6 -9.90 14.19 -14.39
C LEU B 6 -11.10 13.26 -14.51
N ARG B 7 -10.96 12.09 -13.94
CA ARG B 7 -11.95 11.04 -14.00
C ARG B 7 -12.76 11.05 -12.70
N PRO B 8 -14.03 10.64 -12.71
CA PRO B 8 -14.76 10.52 -11.44
C PRO B 8 -14.14 9.46 -10.53
N VAL B 9 -14.27 9.68 -9.23
CA VAL B 9 -13.62 8.87 -8.21
C VAL B 9 -14.68 8.34 -7.24
N VAL B 10 -14.61 7.04 -6.97
CA VAL B 10 -15.52 6.37 -6.05
C VAL B 10 -14.68 5.54 -5.08
N ILE B 11 -15.07 5.55 -3.81
CA ILE B 11 -14.28 4.93 -2.75
C ILE B 11 -15.14 3.97 -1.95
N ASP B 12 -14.62 2.76 -1.72
CA ASP B 12 -15.28 1.77 -0.86
C ASP B 12 -14.84 2.03 0.57
N GLY B 13 -15.57 2.92 1.25
CA GLY B 13 -15.17 3.32 2.59
C GLY B 13 -15.08 2.17 3.57
N SER B 14 -16.05 1.24 3.51
CA SER B 14 -16.03 0.09 4.40
C SER B 14 -14.78 -0.76 4.21
N ASN B 15 -14.09 -0.60 3.08
CA ASN B 15 -12.81 -1.26 2.86
C ASN B 15 -11.64 -0.41 3.35
N VAL B 16 -11.68 0.90 3.08
CA VAL B 16 -10.59 1.78 3.48
C VAL B 16 -10.49 1.83 5.00
N ALA B 17 -11.58 2.25 5.67
CA ALA B 17 -11.52 2.44 7.11
C ALA B 17 -11.07 1.18 7.83
N MET B 18 -11.53 0.01 7.36
CA MET B 18 -11.07 -1.23 7.94
C MET B 18 -9.56 -1.38 7.78
N SER B 19 -9.06 -1.29 6.55
CA SER B 19 -7.65 -1.56 6.29
C SER B 19 -6.72 -0.52 6.88
N HIS B 20 -7.24 0.63 7.33
CA HIS B 20 -6.40 1.64 7.96
C HIS B 20 -6.21 1.30 9.43
N GLY B 21 -7.30 1.18 10.19
CA GLY B 21 -7.21 0.89 11.60
C GLY B 21 -7.16 -0.61 11.83
N ASN B 22 -6.52 -0.99 12.94
CA ASN B 22 -6.28 -2.40 13.27
C ASN B 22 -7.32 -3.36 12.70
N LYS B 23 -7.37 -3.40 11.37
CA LYS B 23 -8.17 -4.31 10.56
C LYS B 23 -9.57 -4.54 11.10
N GLU B 24 -9.69 -5.06 12.32
CA GLU B 24 -11.00 -5.32 12.90
C GLU B 24 -11.70 -4.04 13.34
N GLU B 25 -11.03 -2.89 13.31
CA GLU B 25 -11.61 -1.62 13.72
C GLU B 25 -11.88 -0.75 12.49
N PHE B 26 -13.06 -0.12 12.47
CA PHE B 26 -13.47 0.78 11.41
C PHE B 26 -12.93 2.17 11.71
N SER B 27 -11.73 2.46 11.21
CA SER B 27 -11.08 3.75 11.48
C SER B 27 -11.44 4.72 10.36
N CYS B 28 -12.34 5.66 10.67
CA CYS B 28 -12.77 6.66 9.68
C CYS B 28 -11.60 7.56 9.28
N ARG B 29 -10.65 7.77 10.18
CA ARG B 29 -9.46 8.58 9.90
C ARG B 29 -8.93 8.29 8.51
N GLY B 30 -8.79 7.01 8.17
CA GLY B 30 -8.29 6.63 6.86
C GLY B 30 -9.06 7.25 5.72
N ILE B 31 -10.40 7.23 5.80
CA ILE B 31 -11.22 7.81 4.74
C ILE B 31 -10.80 9.26 4.50
N GLN B 32 -10.65 10.02 5.59
CA GLN B 32 -10.18 11.40 5.47
C GLN B 32 -8.84 11.45 4.75
N LEU B 33 -7.88 10.63 5.20
CA LEU B 33 -6.57 10.61 4.58
C LEU B 33 -6.64 10.28 3.09
N ALA B 34 -7.42 9.25 2.75
CA ALA B 34 -7.57 8.86 1.35
C ALA B 34 -8.14 9.99 0.51
N VAL B 35 -9.23 10.60 0.97
CA VAL B 35 -9.84 11.71 0.23
C VAL B 35 -8.85 12.84 0.05
N ASP B 36 -8.31 13.37 1.16
CA ASP B 36 -7.39 14.51 1.08
C ASP B 36 -6.31 14.27 0.05
N TRP B 37 -5.85 13.02 -0.11
CA TRP B 37 -4.89 12.69 -1.15
C TRP B 37 -5.40 13.16 -2.51
N PHE B 38 -6.61 12.76 -2.86
CA PHE B 38 -7.21 13.17 -4.13
C PHE B 38 -7.39 14.68 -4.20
N LEU B 39 -7.88 15.29 -3.12
CA LEU B 39 -8.06 16.73 -3.08
C LEU B 39 -6.78 17.45 -3.49
N ASP B 40 -5.68 17.18 -2.78
CA ASP B 40 -4.39 17.81 -3.11
C ASP B 40 -4.00 17.59 -4.55
N LYS B 41 -4.56 16.58 -5.21
CA LYS B 41 -4.27 16.29 -6.61
C LYS B 41 -5.14 17.09 -7.57
N GLY B 42 -5.88 18.08 -7.07
CA GLY B 42 -6.75 18.87 -7.93
C GLY B 42 -8.03 18.16 -8.29
N HIS B 43 -8.68 17.54 -7.31
CA HIS B 43 -9.91 16.79 -7.57
C HIS B 43 -11.14 17.59 -7.18
N LYS B 44 -12.22 17.34 -7.92
CA LYS B 44 -13.54 17.90 -7.63
C LYS B 44 -14.56 16.79 -7.40
N ASP B 45 -14.60 15.80 -8.30
CA ASP B 45 -15.55 14.70 -8.23
C ASP B 45 -14.95 13.60 -7.36
N ILE B 46 -15.43 13.52 -6.12
CA ILE B 46 -15.08 12.43 -5.21
C ILE B 46 -16.36 12.02 -4.49
N THR B 47 -16.57 10.72 -4.36
CA THR B 47 -17.77 10.19 -3.73
C THR B 47 -17.42 8.96 -2.92
N VAL B 48 -17.93 8.89 -1.70
CA VAL B 48 -17.68 7.76 -0.82
C VAL B 48 -18.99 7.08 -0.49
N PHE B 49 -18.92 5.77 -0.21
CA PHE B 49 -20.08 4.98 0.15
C PHE B 49 -19.83 4.28 1.48
N VAL B 50 -20.83 4.31 2.35
CA VAL B 50 -20.75 3.67 3.66
C VAL B 50 -22.12 3.15 4.07
N PRO B 51 -22.28 1.85 4.36
CA PRO B 51 -23.56 1.38 4.89
C PRO B 51 -23.96 2.18 6.12
N ALA B 52 -25.24 2.53 6.18
CA ALA B 52 -25.71 3.54 7.14
C ALA B 52 -25.56 3.09 8.58
N TRP B 53 -25.58 1.78 8.84
CA TRP B 53 -25.59 1.29 10.21
C TRP B 53 -24.29 1.62 10.95
N ARG B 54 -23.36 2.31 10.29
CA ARG B 54 -22.16 2.78 10.97
C ARG B 54 -22.41 3.99 11.85
N LYS B 55 -23.48 4.76 11.60
CA LYS B 55 -23.85 5.84 12.51
C LYS B 55 -24.22 5.32 13.89
N GLU B 56 -24.56 4.03 14.00
CA GLU B 56 -24.85 3.45 15.30
C GLU B 56 -23.62 3.53 16.20
N GLN B 57 -23.86 3.85 17.47
CA GLN B 57 -22.75 4.02 18.42
C GLN B 57 -21.82 2.81 18.37
N SER B 58 -20.54 3.05 18.62
CA SER B 58 -19.55 1.99 18.52
C SER B 58 -19.90 0.87 19.49
N ARG B 59 -20.28 -0.28 18.95
CA ARG B 59 -20.55 -1.45 19.77
C ARG B 59 -19.26 -2.22 20.01
N PRO B 60 -19.23 -3.12 20.99
CA PRO B 60 -18.01 -3.91 21.21
C PRO B 60 -17.72 -4.93 20.13
N ASP B 61 -18.76 -5.41 19.43
CA ASP B 61 -18.57 -6.41 18.38
C ASP B 61 -18.27 -5.82 17.02
N ALA B 62 -18.51 -4.52 16.83
CA ALA B 62 -18.24 -3.85 15.56
C ALA B 62 -17.57 -2.50 15.84
N PRO B 63 -16.39 -2.52 16.46
CA PRO B 63 -15.79 -1.27 16.95
C PRO B 63 -15.51 -0.28 15.82
N ILE B 64 -15.58 1.00 16.17
CA ILE B 64 -15.36 2.08 15.22
C ILE B 64 -14.78 3.26 15.98
N THR B 65 -13.85 3.97 15.34
CA THR B 65 -13.15 5.09 15.96
C THR B 65 -13.34 6.34 15.12
N ASP B 66 -13.34 7.50 15.80
CA ASP B 66 -13.50 8.79 15.13
C ASP B 66 -14.80 8.81 14.33
N GLN B 67 -15.88 8.36 14.97
CA GLN B 67 -17.14 8.17 14.27
C GLN B 67 -17.67 9.47 13.67
N ASP B 68 -17.42 10.61 14.33
CA ASP B 68 -17.97 11.88 13.85
C ASP B 68 -17.39 12.32 12.51
N ILE B 69 -16.33 11.67 12.02
CA ILE B 69 -15.76 12.07 10.74
C ILE B 69 -16.79 11.88 9.63
N LEU B 70 -17.73 10.95 9.82
CA LEU B 70 -18.70 10.61 8.79
C LEU B 70 -19.60 11.79 8.47
N ARG B 71 -20.30 12.32 9.48
CA ARG B 71 -21.22 13.43 9.26
C ARG B 71 -20.54 14.61 8.58
N LYS B 72 -19.26 14.86 8.90
CA LYS B 72 -18.56 15.98 8.29
C LYS B 72 -18.41 15.79 6.79
N LEU B 73 -18.28 14.54 6.33
CA LEU B 73 -18.10 14.29 4.91
C LEU B 73 -19.43 14.29 4.16
N GLU B 74 -20.50 13.78 4.79
CA GLU B 74 -21.83 13.95 4.23
C GLU B 74 -22.17 15.43 4.08
N LYS B 75 -21.86 16.22 5.10
CA LYS B 75 -22.10 17.67 5.04
C LYS B 75 -21.41 18.29 3.84
N GLU B 76 -20.32 17.68 3.37
CA GLU B 76 -19.55 18.19 2.26
C GLU B 76 -19.95 17.59 0.92
N LYS B 77 -21.09 16.89 0.85
CA LYS B 77 -21.53 16.23 -0.37
C LYS B 77 -20.44 15.32 -0.94
N ILE B 78 -19.65 14.70 -0.06
CA ILE B 78 -18.61 13.77 -0.44
C ILE B 78 -18.96 12.34 0.00
N LEU B 79 -19.33 12.17 1.26
CA LEU B 79 -19.78 10.87 1.75
C LEU B 79 -21.27 10.68 1.48
N VAL B 80 -21.63 9.45 1.13
CA VAL B 80 -23.01 9.07 0.89
C VAL B 80 -23.26 7.78 1.67
N PHE B 81 -24.35 7.73 2.43
CA PHE B 81 -24.65 6.52 3.18
C PHE B 81 -25.46 5.55 2.33
N THR B 82 -25.38 4.28 2.71
CA THR B 82 -26.05 3.21 1.99
C THR B 82 -27.18 2.63 2.82
N PRO B 83 -28.33 2.34 2.20
CA PRO B 83 -29.51 1.94 2.99
C PRO B 83 -29.26 0.79 3.96
N SER B 84 -29.70 0.98 5.20
CA SER B 84 -29.66 -0.06 6.22
C SER B 84 -30.88 0.11 7.11
N ARG B 85 -31.29 -0.99 7.74
CA ARG B 85 -32.43 -0.96 8.67
C ARG B 85 -32.55 -2.31 9.34
N ARG B 86 -33.35 -2.35 10.41
CA ARG B 86 -33.61 -3.56 11.18
C ARG B 86 -35.01 -4.06 10.89
N VAL B 87 -35.11 -5.30 10.38
CA VAL B 87 -36.40 -5.87 10.03
C VAL B 87 -37.10 -6.42 11.28
N GLN B 88 -36.62 -7.55 11.79
CA GLN B 88 -37.20 -8.22 12.95
C GLN B 88 -36.12 -8.49 13.99
N GLY B 89 -35.27 -7.51 14.23
CA GLY B 89 -34.09 -7.69 15.05
C GLY B 89 -32.82 -7.97 14.27
N ARG B 90 -32.95 -8.38 13.01
CA ARG B 90 -31.77 -8.54 12.17
C ARG B 90 -31.53 -7.24 11.39
N ARG B 91 -30.43 -7.20 10.64
CA ARG B 91 -30.08 -6.03 9.87
C ARG B 91 -30.28 -6.36 8.39
N VAL B 92 -30.77 -5.38 7.65
CA VAL B 92 -30.81 -5.42 6.20
C VAL B 92 -29.71 -4.50 5.71
N VAL B 93 -28.97 -4.93 4.69
CA VAL B 93 -27.69 -4.30 4.42
C VAL B 93 -27.66 -3.68 3.04
N CYS B 94 -28.37 -4.32 2.10
CA CYS B 94 -28.42 -3.87 0.71
C CYS B 94 -27.06 -3.94 0.02
N TYR B 95 -26.05 -4.43 0.72
CA TYR B 95 -24.74 -4.70 0.10
C TYR B 95 -24.20 -3.45 -0.58
N ASP B 96 -23.50 -2.61 0.17
CA ASP B 96 -22.99 -1.35 -0.37
C ASP B 96 -22.15 -1.56 -1.62
N ASP B 97 -21.47 -2.71 -1.73
CA ASP B 97 -20.49 -2.92 -2.80
C ASP B 97 -21.02 -2.49 -4.17
N ARG B 98 -22.23 -2.93 -4.53
CA ARG B 98 -22.72 -2.66 -5.88
C ARG B 98 -23.09 -1.20 -6.10
N PHE B 99 -23.33 -0.43 -5.04
CA PHE B 99 -23.48 1.01 -5.19
C PHE B 99 -22.18 1.62 -5.72
N ILE B 100 -21.04 1.19 -5.16
CA ILE B 100 -19.75 1.68 -5.60
C ILE B 100 -19.54 1.39 -7.09
N VAL B 101 -19.88 0.17 -7.52
CA VAL B 101 -19.62 -0.24 -8.89
C VAL B 101 -20.55 0.48 -9.85
N LYS B 102 -21.87 0.35 -9.63
CA LYS B 102 -22.84 0.96 -10.52
C LYS B 102 -22.50 2.42 -10.80
N LEU B 103 -22.19 3.17 -9.76
CA LEU B 103 -21.84 4.59 -9.92
C LEU B 103 -20.60 4.75 -10.79
N ALA B 104 -19.46 4.21 -10.34
CA ALA B 104 -18.22 4.38 -11.09
C ALA B 104 -18.41 3.99 -12.55
N PHE B 105 -19.12 2.88 -12.78
CA PHE B 105 -19.47 2.48 -14.14
C PHE B 105 -20.24 3.58 -14.84
N ASP B 106 -21.36 4.02 -14.25
CA ASP B 106 -22.24 4.96 -14.91
C ASP B 106 -21.60 6.34 -15.07
N SER B 107 -20.57 6.64 -14.29
CA SER B 107 -19.83 7.89 -14.42
C SER B 107 -18.54 7.73 -15.20
N ASP B 108 -18.19 6.51 -15.59
CA ASP B 108 -16.93 6.24 -16.28
C ASP B 108 -15.77 6.75 -15.44
N GLY B 109 -15.82 6.43 -14.14
CA GLY B 109 -14.78 6.79 -13.21
C GLY B 109 -13.90 5.61 -12.85
N ILE B 110 -13.27 5.71 -11.69
CA ILE B 110 -12.42 4.64 -11.19
C ILE B 110 -12.84 4.34 -9.77
N ILE B 111 -12.56 3.12 -9.33
CA ILE B 111 -12.93 2.65 -8.00
C ILE B 111 -11.65 2.51 -7.18
N VAL B 112 -11.70 2.97 -5.94
CA VAL B 112 -10.60 2.87 -4.99
C VAL B 112 -11.00 1.81 -3.98
N SER B 113 -10.31 0.68 -4.00
CA SER B 113 -10.61 -0.40 -3.07
C SER B 113 -9.60 -1.53 -3.28
N ASN B 114 -9.39 -2.31 -2.25
CA ASN B 114 -8.58 -3.52 -2.34
C ASN B 114 -9.44 -4.76 -2.51
N ASP B 115 -10.76 -4.62 -2.41
CA ASP B 115 -11.68 -5.71 -2.73
C ASP B 115 -11.80 -5.83 -4.25
N ASN B 116 -11.71 -7.05 -4.75
CA ASN B 116 -11.82 -7.29 -6.18
C ASN B 116 -13.26 -7.42 -6.66
N TYR B 117 -14.22 -7.56 -5.75
CA TYR B 117 -15.62 -7.71 -6.11
C TYR B 117 -15.79 -8.86 -7.09
N ARG B 118 -15.13 -9.99 -6.79
CA ARG B 118 -15.27 -11.17 -7.63
C ARG B 118 -16.75 -11.53 -7.84
N ASP B 119 -17.56 -11.43 -6.80
CA ASP B 119 -18.95 -11.84 -6.89
C ASP B 119 -19.70 -10.98 -7.91
N LEU B 120 -19.38 -9.70 -8.00
CA LEU B 120 -20.07 -8.82 -8.93
C LEU B 120 -19.54 -8.96 -10.35
N GLN B 121 -18.25 -9.25 -10.51
CA GLN B 121 -17.70 -9.53 -11.83
C GLN B 121 -18.49 -10.64 -12.54
N VAL B 122 -18.95 -11.63 -11.78
CA VAL B 122 -19.66 -12.76 -12.39
C VAL B 122 -21.08 -12.35 -12.76
N GLU B 123 -21.76 -11.60 -11.89
CA GLU B 123 -23.16 -11.27 -12.14
C GLU B 123 -23.34 -10.48 -13.42
N LYS B 124 -22.37 -9.64 -13.78
CA LYS B 124 -22.48 -8.76 -14.93
C LYS B 124 -21.17 -8.72 -15.68
N PRO B 125 -21.08 -9.32 -16.88
CA PRO B 125 -19.80 -9.31 -17.60
C PRO B 125 -19.24 -7.91 -17.84
N GLU B 126 -20.07 -6.98 -18.33
CA GLU B 126 -19.61 -5.63 -18.59
C GLU B 126 -18.99 -5.01 -17.35
N TRP B 127 -19.47 -5.38 -16.16
CA TRP B 127 -18.87 -4.89 -14.93
C TRP B 127 -17.48 -5.47 -14.73
N LYS B 128 -17.36 -6.79 -14.86
CA LYS B 128 -16.06 -7.45 -14.78
C LYS B 128 -15.01 -6.68 -15.59
N LYS B 129 -15.27 -6.53 -16.89
CA LYS B 129 -14.38 -5.75 -17.74
C LYS B 129 -14.01 -4.43 -17.09
N PHE B 130 -15.00 -3.69 -16.59
CA PHE B 130 -14.74 -2.38 -16.01
C PHE B 130 -13.88 -2.50 -14.76
N ILE B 131 -14.22 -3.42 -13.85
CA ILE B 131 -13.47 -3.60 -12.62
C ILE B 131 -12.01 -3.95 -12.92
N GLU B 132 -11.78 -4.80 -13.92
CA GLU B 132 -10.42 -5.22 -14.23
C GLU B 132 -9.53 -4.02 -14.54
N GLU B 133 -10.04 -3.06 -15.29
CA GLU B 133 -9.23 -1.96 -15.79
C GLU B 133 -9.41 -0.67 -15.01
N ARG B 134 -10.33 -0.62 -14.04
CA ARG B 134 -10.67 0.62 -13.36
C ARG B 134 -10.60 0.54 -11.84
N LEU B 135 -10.08 -0.56 -11.29
CA LEU B 135 -9.93 -0.68 -9.84
C LEU B 135 -8.55 -0.15 -9.45
N LEU B 136 -8.52 0.86 -8.57
CA LEU B 136 -7.28 1.39 -8.03
C LEU B 136 -7.08 0.86 -6.62
N MET B 137 -5.99 0.13 -6.40
CA MET B 137 -5.68 -0.40 -5.09
C MET B 137 -4.76 0.57 -4.35
N TYR B 138 -4.49 0.26 -3.08
CA TYR B 138 -3.72 1.15 -2.25
C TYR B 138 -3.00 0.36 -1.17
N SER B 139 -2.16 1.08 -0.42
CA SER B 139 -1.47 0.54 0.74
C SER B 139 -1.32 1.65 1.76
N PHE B 140 -1.65 1.35 3.01
CA PHE B 140 -1.62 2.33 4.09
C PHE B 140 -0.37 2.13 4.93
N VAL B 141 0.33 3.23 5.22
CA VAL B 141 1.50 3.17 6.08
C VAL B 141 1.19 4.02 7.32
N ASN B 142 0.37 3.47 8.24
CA ASN B 142 0.06 4.12 9.50
C ASN B 142 -0.83 5.34 9.27
N ASP B 143 -0.29 6.35 8.60
CA ASP B 143 -1.02 7.59 8.36
C ASP B 143 -0.61 8.18 7.01
N LYS B 144 -0.51 7.32 6.01
CA LYS B 144 -0.03 7.72 4.69
C LYS B 144 -0.79 6.91 3.65
N PHE B 145 -1.41 7.61 2.71
CA PHE B 145 -2.14 6.98 1.62
C PHE B 145 -1.18 6.74 0.46
N MET B 146 -0.92 5.48 0.14
CA MET B 146 -0.01 5.15 -0.95
C MET B 146 -0.73 4.33 -2.01
N PRO B 147 -1.11 4.93 -3.13
CA PRO B 147 -1.59 4.13 -4.27
C PRO B 147 -0.44 3.75 -5.17
N PRO B 148 -0.60 2.69 -5.97
CA PRO B 148 0.49 2.29 -6.86
C PRO B 148 0.69 3.27 -8.00
N ASP B 149 1.95 3.49 -8.37
CA ASP B 149 2.25 4.29 -9.56
C ASP B 149 1.96 3.54 -10.85
N ASP B 150 1.73 2.23 -10.75
CA ASP B 150 1.30 1.39 -11.88
C ASP B 150 0.08 0.60 -11.40
N PRO B 151 -1.11 1.21 -11.43
CA PRO B 151 -2.29 0.52 -10.89
C PRO B 151 -2.55 -0.84 -11.52
N LEU B 152 -2.22 -0.99 -12.80
CA LEU B 152 -2.12 -2.30 -13.43
C LEU B 152 -0.64 -2.66 -13.57
N GLY B 153 -0.38 -3.84 -14.12
CA GLY B 153 0.98 -4.30 -14.27
C GLY B 153 1.87 -3.28 -14.96
N ARG B 154 3.18 -3.54 -14.97
CA ARG B 154 4.11 -2.62 -15.64
C ARG B 154 3.69 -2.34 -17.08
N HIS B 155 3.00 -3.28 -17.72
CA HIS B 155 2.55 -3.08 -19.09
C HIS B 155 1.43 -2.06 -19.20
N GLY B 156 0.80 -1.69 -18.10
CA GLY B 156 -0.36 -0.82 -18.13
C GLY B 156 0.02 0.64 -18.03
N PRO B 157 -0.97 1.49 -17.76
CA PRO B 157 -0.74 2.94 -17.84
C PRO B 157 -0.16 3.48 -16.54
N SER B 158 0.29 4.73 -16.62
CA SER B 158 0.74 5.41 -15.43
C SER B 158 -0.41 5.58 -14.46
N LEU B 159 -0.09 5.99 -13.23
CA LEU B 159 -1.12 6.31 -12.26
C LEU B 159 -1.93 7.51 -12.72
N GLU B 160 -1.29 8.44 -13.43
CA GLU B 160 -1.98 9.64 -13.87
C GLU B 160 -2.83 9.39 -15.13
N ASN B 161 -2.30 8.65 -16.11
CA ASN B 161 -3.08 8.37 -17.32
C ASN B 161 -4.25 7.44 -17.05
N PHE B 162 -4.21 6.74 -15.93
CA PHE B 162 -5.33 5.92 -15.46
C PHE B 162 -6.29 6.71 -14.61
N LEU B 163 -5.77 7.66 -13.85
CA LEU B 163 -6.54 8.53 -12.98
C LEU B 163 -7.00 9.81 -13.69
N ARG B 164 -6.73 9.93 -14.99
CA ARG B 164 -7.17 11.06 -15.80
C ARG B 164 -7.83 10.54 -17.08
N LYS B 165 -8.90 11.21 -17.51
CA LYS B 165 -9.64 10.73 -18.68
C LYS B 165 -8.88 10.99 -19.97
N ARG B 166 -8.24 12.16 -20.11
CA ARG B 166 -7.42 12.40 -21.30
C ARG B 166 -6.05 11.78 -21.05
N PRO B 167 -5.76 10.62 -21.64
CA PRO B 167 -4.49 9.94 -21.36
C PRO B 167 -3.30 10.47 -22.15
N ILE B 168 -3.49 11.46 -23.03
CA ILE B 168 -2.45 11.80 -24.00
C ILE B 168 -1.34 12.66 -23.41
N VAL B 169 -1.46 13.11 -22.16
CA VAL B 169 -0.40 13.87 -21.50
C VAL B 169 0.93 13.26 -21.92
N PRO B 170 1.90 14.08 -22.36
CA PRO B 170 3.07 13.53 -23.07
C PRO B 170 3.66 12.30 -22.40
N GLU B 171 3.85 11.25 -23.19
CA GLU B 171 4.40 9.99 -22.71
C GLU B 171 5.87 9.88 -23.07
N HIS B 172 6.62 9.16 -22.22
CA HIS B 172 8.03 8.89 -22.46
C HIS B 172 8.26 7.40 -22.22
N LYS B 173 8.53 6.66 -23.30
CA LYS B 173 8.84 5.24 -23.20
C LYS B 173 10.15 4.95 -23.90
N LYS B 174 10.77 3.85 -23.49
CA LYS B 174 12.00 3.34 -24.08
C LYS B 174 11.69 2.00 -24.75
N GLN B 175 12.75 1.31 -25.19
CA GLN B 175 12.65 -0.06 -25.70
C GLN B 175 12.13 -0.10 -27.13
N PRO B 176 12.72 -0.91 -28.00
CA PRO B 176 12.06 -1.25 -29.28
C PRO B 176 11.06 -2.37 -29.05
N CYS B 177 9.84 -2.16 -29.51
CA CYS B 177 8.74 -3.11 -29.32
C CYS B 177 8.57 -3.97 -30.56
N PRO B 178 7.82 -5.08 -30.44
CA PRO B 178 7.53 -5.97 -31.58
C PRO B 178 7.03 -5.24 -32.81
#